data_3PO6
#
_entry.id   3PO6
#
_cell.length_a   42.180
_cell.length_b   41.210
_cell.length_c   72.000
_cell.angle_alpha   90.00
_cell.angle_beta   104.31
_cell.angle_gamma   90.00
#
_symmetry.space_group_name_H-M   'P 1 21 1'
#
loop_
_entity.id
_entity.type
_entity.pdbx_description
1 polymer 'Carbonic anhydrase 2'
2 non-polymer 'ZINC ION'
3 non-polymer (1S)-6,7-dimethoxy-1-methyl-3,4-dihydroisoquinoline-2(1H)-sulfonamide
4 non-polymer (1R)-6,7-dimethoxy-1-methyl-3,4-dihydroisoquinoline-2(1H)-sulfonamide
5 non-polymer GLYCEROL
6 non-polymer 'ACETATE ION'
7 water water
#
_entity_poly.entity_id   1
_entity_poly.type   'polypeptide(L)'
_entity_poly.pdbx_seq_one_letter_code
;SHHWGYGKHNGPEHWHKDFPIAKGERQSPVDIDTHTAKYDPSLKPLSVSYDQATSLRILNNGHAFNVEFDDSQDKAVLKG
GPLDGTYRLIQFHFHWGSLDGQGSEHTVDKKKYAAELHLVHWNTKYGDFGKAVQQPDGLAVLGIFLKVGSAKPGLQKVVD
VLDSIKTKGKSADFTNFDPRGLLPESLDYWTYPGSLTTPPLLECVTWIVLKEPISVSSEQVLKFRKLNFNGEGEPEELMV
DNWRPAQPLKNRQIKASFK
;
_entity_poly.pdbx_strand_id   A
#
# COMPACT_ATOMS: atom_id res chain seq x y z
N HIS A 2 -16.39 -17.50 4.66
CA HIS A 2 -15.35 -18.29 5.38
C HIS A 2 -14.26 -17.38 6.01
N HIS A 3 -13.33 -16.87 5.24
CA HIS A 3 -12.22 -16.08 5.81
C HIS A 3 -12.46 -14.58 5.65
N TRP A 4 -11.47 -13.82 6.04
CA TRP A 4 -11.62 -12.37 6.09
C TRP A 4 -11.74 -11.79 4.71
N GLY A 5 -12.39 -10.64 4.63
CA GLY A 5 -12.46 -9.90 3.37
C GLY A 5 -12.95 -8.51 3.63
N TYR A 6 -13.76 -8.00 2.71
CA TYR A 6 -14.24 -6.62 2.81
C TYR A 6 -15.76 -6.46 2.86
N GLY A 7 -16.48 -7.58 2.94
CA GLY A 7 -17.96 -7.53 2.98
C GLY A 7 -18.57 -7.25 4.33
N LYS A 8 -19.91 -7.19 4.37
CA LYS A 8 -20.68 -6.91 5.60
C LYS A 8 -20.38 -7.95 6.66
N HIS A 9 -20.21 -9.19 6.21
CA HIS A 9 -20.09 -10.27 7.15
C HIS A 9 -18.67 -10.71 7.43
N ASN A 10 -17.67 -10.23 6.67
CA ASN A 10 -16.27 -10.61 6.94
C ASN A 10 -15.30 -9.43 6.85
N GLY A 11 -15.82 -8.21 6.89
CA GLY A 11 -15.04 -7.00 6.62
C GLY A 11 -14.30 -6.51 7.85
N PRO A 12 -13.73 -5.31 7.74
CA PRO A 12 -12.87 -4.77 8.80
C PRO A 12 -13.40 -4.77 10.20
N GLU A 13 -14.71 -4.63 10.37
CA GLU A 13 -15.32 -4.57 11.67
C GLU A 13 -15.38 -5.96 12.35
N HIS A 14 -15.14 -7.02 11.56
CA HIS A 14 -15.09 -8.36 12.06
C HIS A 14 -13.71 -8.90 12.34
N TRP A 15 -12.70 -8.25 11.77
CA TRP A 15 -11.37 -8.84 11.78
C TRP A 15 -10.79 -9.10 13.18
N HIS A 16 -11.20 -8.32 14.15
CA HIS A 16 -10.66 -8.43 15.49
C HIS A 16 -10.93 -9.78 16.15
N LYS A 17 -11.95 -10.48 15.70
CA LYS A 17 -12.24 -11.76 16.31
C LYS A 17 -11.18 -12.81 15.99
N ASP A 18 -10.68 -12.85 14.75
CA ASP A 18 -9.54 -13.74 14.46
C ASP A 18 -8.19 -13.07 14.71
N PHE A 19 -8.15 -11.73 14.70
CA PHE A 19 -6.90 -10.98 14.78
C PHE A 19 -7.03 -9.87 15.81
N PRO A 20 -6.98 -10.23 17.11
CA PRO A 20 -7.27 -9.25 18.15
C PRO A 20 -6.42 -7.97 18.12
N ILE A 21 -5.24 -8.03 17.50
CA ILE A 21 -4.40 -6.85 17.36
C ILE A 21 -5.08 -5.78 16.51
N ALA A 22 -6.22 -6.11 15.87
CA ALA A 22 -7.03 -5.14 15.15
C ALA A 22 -7.39 -3.97 16.02
N LYS A 23 -7.44 -4.17 17.33
CA LYS A 23 -7.83 -3.13 18.31
C LYS A 23 -6.57 -2.65 19.08
N GLY A 24 -5.41 -2.81 18.47
CA GLY A 24 -4.10 -2.49 19.06
C GLY A 24 -3.77 -1.00 19.16
N GLU A 25 -2.56 -0.76 19.63
CA GLU A 25 -2.11 0.60 19.90
C GLU A 25 -1.46 1.28 18.73
N ARG A 26 -1.12 0.55 17.65
CA ARG A 26 -0.48 1.17 16.49
CA ARG A 26 -0.52 1.21 16.49
C ARG A 26 -1.03 0.62 15.19
N GLN A 27 -2.34 0.70 15.06
CA GLN A 27 -3.02 0.20 13.87
C GLN A 27 -3.08 1.23 12.76
N SER A 28 -3.11 0.71 11.54
CA SER A 28 -3.19 1.51 10.33
C SER A 28 -4.40 1.08 9.48
N PRO A 29 -4.90 1.96 8.62
CA PRO A 29 -4.45 3.31 8.38
C PRO A 29 -4.96 4.24 9.47
N VAL A 30 -4.61 5.52 9.34
CA VAL A 30 -5.09 6.62 10.19
C VAL A 30 -5.44 7.82 9.33
N ASP A 31 -6.22 8.72 9.92
CA ASP A 31 -6.42 10.04 9.38
C ASP A 31 -5.19 10.89 9.68
N ILE A 32 -4.73 11.60 8.66
CA ILE A 32 -3.61 12.50 8.78
C ILE A 32 -4.17 13.92 8.91
N ASP A 33 -4.16 14.41 10.15
CA ASP A 33 -4.58 15.76 10.40
C ASP A 33 -3.39 16.68 10.12
N THR A 34 -3.48 17.41 9.01
CA THR A 34 -2.36 18.19 8.49
C THR A 34 -1.98 19.35 9.37
N HIS A 35 -2.93 19.82 10.15
N HIS A 35 -2.93 19.82 10.15
CA HIS A 35 -2.64 20.91 11.07
C HIS A 35 -1.90 20.46 12.33
C HIS A 35 -1.90 20.46 12.33
N THR A 36 -2.18 19.24 12.79
CA THR A 36 -1.52 18.65 13.98
C THR A 36 -0.16 17.96 13.69
N ALA A 37 0.04 17.48 12.47
CA ALA A 37 1.33 16.88 12.07
C ALA A 37 2.40 17.92 12.26
N LYS A 38 3.53 17.53 12.83
CA LYS A 38 4.58 18.51 13.02
C LYS A 38 5.76 18.28 12.13
N TYR A 39 6.25 19.37 11.51
CA TYR A 39 7.52 19.29 10.80
C TYR A 39 8.62 18.77 11.72
N ASP A 40 9.39 17.83 11.21
CA ASP A 40 10.50 17.25 11.98
C ASP A 40 11.84 17.50 11.27
N PRO A 41 12.67 18.41 11.83
CA PRO A 41 13.96 18.67 11.22
C PRO A 41 14.96 17.53 11.38
N SER A 42 14.69 16.57 12.26
CA SER A 42 15.60 15.40 12.41
C SER A 42 15.47 14.40 11.24
N LEU A 43 14.39 14.50 10.45
CA LEU A 43 14.22 13.59 9.30
C LEU A 43 15.31 13.85 8.25
N LYS A 44 16.00 12.76 7.87
CA LYS A 44 17.04 12.83 6.84
C LYS A 44 16.36 12.80 5.47
N PRO A 45 17.08 13.12 4.41
CA PRO A 45 16.31 13.08 3.15
C PRO A 45 15.86 11.61 2.74
N LEU A 46 14.72 11.50 2.10
CA LEU A 46 14.19 10.19 1.68
C LEU A 46 14.85 9.82 0.36
N SER A 47 15.23 8.55 0.25
CA SER A 47 15.93 7.98 -0.91
C SER A 47 15.15 6.78 -1.45
N VAL A 48 14.58 6.95 -2.64
CA VAL A 48 13.85 5.90 -3.34
C VAL A 48 14.74 5.53 -4.53
N SER A 49 15.35 4.35 -4.49
CA SER A 49 16.30 3.92 -5.49
C SER A 49 15.76 2.69 -6.19
N TYR A 50 14.95 2.93 -7.23
CA TYR A 50 14.25 1.87 -7.97
C TYR A 50 14.82 1.54 -9.37
N ASP A 51 15.98 2.10 -9.73
CA ASP A 51 16.54 1.87 -11.05
C ASP A 51 16.80 0.40 -11.46
N GLN A 52 17.13 -0.45 -10.51
CA GLN A 52 17.42 -1.85 -10.81
CA GLN A 52 17.42 -1.85 -10.81
C GLN A 52 16.28 -2.77 -10.40
N ALA A 53 15.10 -2.21 -10.16
CA ALA A 53 13.93 -3.04 -9.76
C ALA A 53 13.63 -4.09 -10.82
N THR A 54 13.39 -5.31 -10.36
CA THR A 54 13.09 -6.42 -11.23
C THR A 54 11.75 -7.01 -10.87
N SER A 55 10.72 -6.64 -11.60
CA SER A 55 9.41 -7.22 -11.39
C SER A 55 9.35 -8.63 -11.93
N LEU A 56 8.47 -9.43 -11.34
CA LEU A 56 8.34 -10.79 -11.81
C LEU A 56 6.98 -11.20 -12.27
N ARG A 57 5.96 -10.87 -11.50
CA ARG A 57 4.67 -11.50 -11.64
C ARG A 57 3.62 -10.59 -11.04
N ILE A 58 2.39 -10.69 -11.53
CA ILE A 58 1.24 -10.01 -10.93
C ILE A 58 0.23 -11.09 -10.53
N LEU A 59 -0.34 -10.97 -9.33
CA LEU A 59 -1.21 -11.98 -8.75
C LEU A 59 -2.49 -11.35 -8.22
N ASN A 60 -3.64 -11.92 -8.55
CA ASN A 60 -4.91 -11.60 -7.90
C ASN A 60 -5.02 -12.54 -6.72
N ASN A 61 -4.95 -12.01 -5.50
CA ASN A 61 -4.99 -12.85 -4.30
C ASN A 61 -6.36 -12.92 -3.63
N GLY A 62 -7.38 -12.40 -4.33
CA GLY A 62 -8.71 -12.43 -3.80
C GLY A 62 -9.02 -11.22 -2.93
N HIS A 63 -8.03 -10.37 -2.68
CA HIS A 63 -8.17 -9.11 -1.91
CA HIS A 63 -8.31 -9.09 -1.99
C HIS A 63 -7.76 -7.88 -2.73
N ALA A 64 -6.68 -8.02 -3.47
CA ALA A 64 -6.16 -6.96 -4.31
C ALA A 64 -5.35 -7.65 -5.42
N PHE A 65 -4.60 -6.89 -6.20
CA PHE A 65 -3.57 -7.49 -7.03
C PHE A 65 -2.20 -7.04 -6.56
N ASN A 66 -1.25 -7.96 -6.58
CA ASN A 66 0.10 -7.71 -6.13
C ASN A 66 1.06 -7.83 -7.30
N VAL A 67 1.87 -6.81 -7.51
CA VAL A 67 3.01 -6.84 -8.44
C VAL A 67 4.26 -7.17 -7.61
N GLU A 68 4.87 -8.31 -7.90
CA GLU A 68 5.89 -8.90 -7.09
C GLU A 68 7.23 -8.64 -7.71
N PHE A 69 8.22 -8.43 -6.85
CA PHE A 69 9.60 -8.13 -7.28
C PHE A 69 10.55 -9.18 -6.78
N ASP A 70 11.62 -9.39 -7.54
CA ASP A 70 12.74 -10.21 -7.09
C ASP A 70 13.49 -9.42 -6.04
N ASP A 71 13.40 -9.86 -4.78
CA ASP A 71 14.04 -9.22 -3.65
C ASP A 71 15.20 -10.05 -3.07
N SER A 72 15.81 -10.86 -3.94
CA SER A 72 16.94 -11.74 -3.54
C SER A 72 18.29 -11.01 -3.57
N GLN A 73 18.29 -9.81 -4.11
CA GLN A 73 19.48 -8.97 -4.18
C GLN A 73 19.09 -7.57 -3.79
N ASP A 74 20.11 -6.79 -3.46
CA ASP A 74 19.95 -5.41 -3.04
C ASP A 74 19.81 -4.57 -4.33
N LYS A 75 18.56 -4.42 -4.77
CA LYS A 75 18.24 -3.73 -6.03
C LYS A 75 17.40 -2.48 -5.75
N ALA A 76 16.09 -2.66 -5.67
CA ALA A 76 15.16 -1.57 -5.44
C ALA A 76 15.04 -1.35 -3.94
N VAL A 77 15.50 -0.22 -3.44
CA VAL A 77 15.53 0.01 -1.99
C VAL A 77 15.05 1.41 -1.60
N LEU A 78 14.51 1.46 -0.39
CA LEU A 78 14.08 2.66 0.24
C LEU A 78 14.94 2.89 1.45
N LYS A 79 15.51 4.09 1.59
CA LYS A 79 16.34 4.50 2.71
C LYS A 79 16.08 5.96 3.06
N GLY A 80 16.66 6.41 4.15
CA GLY A 80 16.59 7.80 4.56
C GLY A 80 15.25 8.10 5.19
N GLY A 81 14.91 9.38 5.26
CA GLY A 81 13.70 9.81 5.92
C GLY A 81 13.75 9.39 7.36
N PRO A 82 12.68 8.74 7.85
CA PRO A 82 12.67 8.26 9.22
C PRO A 82 13.41 6.94 9.42
N LEU A 83 13.87 6.34 8.32
CA LEU A 83 14.37 4.96 8.36
C LEU A 83 15.83 4.89 8.75
N ASP A 84 16.11 3.85 9.52
CA ASP A 84 17.47 3.46 9.83
CA ASP A 84 17.44 3.40 9.91
C ASP A 84 17.75 2.22 8.99
N GLY A 85 18.84 2.26 8.25
CA GLY A 85 19.23 1.16 7.37
C GLY A 85 18.47 1.12 6.04
N THR A 86 18.40 -0.07 5.45
CA THR A 86 17.97 -0.26 4.08
C THR A 86 16.77 -1.18 4.04
N TYR A 87 15.76 -0.77 3.28
CA TYR A 87 14.55 -1.56 3.12
C TYR A 87 14.37 -1.94 1.68
N ARG A 88 14.12 -3.21 1.40
CA ARG A 88 14.06 -3.73 0.05
C ARG A 88 12.63 -3.89 -0.44
N LEU A 89 12.37 -3.42 -1.67
CA LEU A 89 11.06 -3.57 -2.26
C LEU A 89 10.75 -5.03 -2.54
N ILE A 90 9.60 -5.50 -2.06
CA ILE A 90 9.12 -6.86 -2.31
C ILE A 90 7.87 -6.88 -3.20
N GLN A 91 6.97 -5.89 -3.07
CA GLN A 91 5.77 -5.90 -3.87
C GLN A 91 5.09 -4.58 -3.78
N PHE A 92 4.19 -4.31 -4.73
CA PHE A 92 3.21 -3.26 -4.54
C PHE A 92 1.82 -3.74 -4.87
N HIS A 93 0.87 -3.00 -4.32
CA HIS A 93 -0.54 -3.26 -4.53
C HIS A 93 -1.30 -1.98 -4.27
N PHE A 94 -2.60 -2.00 -4.54
CA PHE A 94 -3.48 -0.85 -4.36
C PHE A 94 -4.70 -1.24 -3.53
N HIS A 95 -5.34 -0.20 -2.99
CA HIS A 95 -6.67 -0.26 -2.40
C HIS A 95 -7.51 0.76 -3.15
N TRP A 96 -8.76 0.45 -3.48
CA TRP A 96 -9.58 1.35 -4.25
C TRP A 96 -11.05 1.19 -3.94
N GLY A 97 -11.82 2.13 -4.44
CA GLY A 97 -13.23 2.17 -4.16
C GLY A 97 -14.16 1.72 -5.27
N SER A 98 -15.45 1.72 -4.97
CA SER A 98 -16.49 1.50 -5.96
C SER A 98 -16.85 2.80 -6.66
N LEU A 99 -16.47 3.94 -6.08
CA LEU A 99 -16.77 5.26 -6.61
C LEU A 99 -15.54 6.11 -6.40
N ASP A 100 -15.39 7.20 -7.14
CA ASP A 100 -14.14 7.97 -7.09
C ASP A 100 -13.97 8.66 -5.72
N GLY A 101 -15.07 8.87 -4.99
CA GLY A 101 -15.03 9.53 -3.69
C GLY A 101 -14.58 8.71 -2.49
N GLN A 102 -14.15 7.47 -2.73
CA GLN A 102 -13.64 6.62 -1.68
C GLN A 102 -12.68 5.63 -2.26
N GLY A 103 -11.88 4.99 -1.39
CA GLY A 103 -10.94 3.99 -1.82
C GLY A 103 -9.64 4.01 -1.08
N SER A 104 -9.17 5.20 -0.69
CA SER A 104 -7.92 5.24 0.05
C SER A 104 -8.14 4.72 1.46
N GLU A 105 -7.04 4.28 2.07
CA GLU A 105 -7.00 3.82 3.45
C GLU A 105 -6.63 4.98 4.37
N HIS A 106 -5.47 5.59 4.18
CA HIS A 106 -5.21 6.86 4.85
C HIS A 106 -6.14 7.93 4.30
N THR A 107 -6.43 8.88 5.15
CA THR A 107 -7.18 10.05 4.75
C THR A 107 -6.38 11.28 5.16
N VAL A 108 -6.69 12.42 4.55
CA VAL A 108 -5.95 13.67 4.81
C VAL A 108 -7.02 14.69 5.20
N ASP A 109 -7.03 15.08 6.47
CA ASP A 109 -8.08 15.92 6.97
C ASP A 109 -9.45 15.34 6.64
N LYS A 110 -9.56 14.03 6.83
CA LYS A 110 -10.75 13.21 6.58
C LYS A 110 -11.09 13.02 5.09
N LYS A 111 -10.32 13.64 4.19
CA LYS A 111 -10.49 13.44 2.75
C LYS A 111 -10.05 12.03 2.33
N LYS A 112 -10.96 11.32 1.65
CA LYS A 112 -10.70 10.04 1.01
C LYS A 112 -10.33 10.24 -0.46
N TYR A 113 -9.23 9.63 -0.88
CA TYR A 113 -8.86 9.62 -2.28
C TYR A 113 -9.49 8.40 -2.99
N ALA A 114 -9.41 8.37 -4.32
CA ALA A 114 -10.01 7.30 -5.10
C ALA A 114 -9.31 5.97 -4.89
N ALA A 115 -8.04 6.03 -4.55
CA ALA A 115 -7.25 4.83 -4.38
C ALA A 115 -5.95 5.19 -3.65
N GLU A 116 -5.22 4.16 -3.25
CA GLU A 116 -3.95 4.30 -2.58
C GLU A 116 -3.03 3.12 -2.98
N LEU A 117 -1.83 3.48 -3.39
CA LEU A 117 -0.75 2.60 -3.75
C LEU A 117 0.14 2.37 -2.53
N HIS A 118 0.48 1.10 -2.29
CA HIS A 118 1.39 0.69 -1.22
C HIS A 118 2.56 -0.05 -1.83
N LEU A 119 3.75 0.56 -1.73
CA LEU A 119 5.00 -0.06 -2.11
C LEU A 119 5.63 -0.59 -0.83
N VAL A 120 5.70 -1.90 -0.75
CA VAL A 120 6.04 -2.60 0.48
C VAL A 120 7.50 -2.98 0.46
N HIS A 121 8.22 -2.66 1.56
CA HIS A 121 9.66 -2.89 1.68
C HIS A 121 9.98 -3.53 3.02
N TRP A 122 10.97 -4.40 3.07
CA TRP A 122 11.35 -5.00 4.34
C TRP A 122 12.80 -4.65 4.68
N ASN A 123 13.01 -4.55 5.98
CA ASN A 123 14.30 -4.18 6.56
C ASN A 123 15.30 -5.31 6.39
N THR A 124 16.36 -5.04 5.64
CA THR A 124 17.31 -6.09 5.27
C THR A 124 18.04 -6.64 6.47
N LYS A 125 18.03 -5.92 7.59
CA LYS A 125 18.69 -6.44 8.80
C LYS A 125 18.04 -7.72 9.30
N TYR A 126 16.79 -8.00 8.92
CA TYR A 126 16.07 -9.19 9.36
C TYR A 126 16.07 -10.33 8.34
N GLY A 127 16.73 -10.14 7.21
CA GLY A 127 17.03 -11.29 6.34
C GLY A 127 15.96 -11.70 5.35
N ASP A 128 14.69 -11.72 5.79
CA ASP A 128 13.62 -11.81 4.81
CA ASP A 128 13.55 -12.10 4.95
C ASP A 128 12.32 -11.32 5.38
N PHE A 129 11.33 -11.29 4.52
CA PHE A 129 10.08 -10.63 4.83
C PHE A 129 9.39 -11.28 6.03
N GLY A 130 9.32 -12.61 6.09
CA GLY A 130 8.60 -13.25 7.18
C GLY A 130 9.18 -12.99 8.56
N LYS A 131 10.50 -12.85 8.63
CA LYS A 131 11.14 -12.46 9.90
C LYS A 131 10.92 -10.96 10.16
N ALA A 132 10.99 -10.16 9.11
CA ALA A 132 10.81 -8.73 9.27
C ALA A 132 9.44 -8.36 9.84
N VAL A 133 8.35 -9.05 9.45
CA VAL A 133 7.02 -8.66 9.94
C VAL A 133 6.85 -8.98 11.41
N GLN A 134 7.77 -9.72 12.01
CA GLN A 134 7.72 -9.97 13.45
C GLN A 134 8.45 -8.91 14.29
N GLN A 135 8.89 -7.83 13.63
CA GLN A 135 9.70 -6.78 14.28
C GLN A 135 8.99 -5.43 14.19
N PRO A 136 9.14 -4.57 15.22
CA PRO A 136 8.46 -3.25 15.15
C PRO A 136 8.94 -2.33 14.06
N ASP A 137 10.17 -2.52 13.60
CA ASP A 137 10.74 -1.75 12.48
C ASP A 137 11.04 -2.65 11.29
N GLY A 138 10.23 -3.66 11.09
CA GLY A 138 10.44 -4.63 10.01
C GLY A 138 10.14 -4.15 8.62
N LEU A 139 9.09 -3.34 8.46
CA LEU A 139 8.64 -2.93 7.14
C LEU A 139 8.63 -1.42 7.02
N ALA A 140 8.75 -0.96 5.79
CA ALA A 140 8.49 0.41 5.42
C ALA A 140 7.54 0.37 4.25
N VAL A 141 6.36 1.00 4.39
CA VAL A 141 5.42 1.05 3.30
C VAL A 141 5.30 2.48 2.87
N LEU A 142 5.57 2.66 1.58
CA LEU A 142 5.47 3.97 0.93
C LEU A 142 4.07 4.03 0.33
N GLY A 143 3.26 4.94 0.84
CA GLY A 143 1.87 5.11 0.41
C GLY A 143 1.70 6.33 -0.45
N ILE A 144 0.99 6.16 -1.56
CA ILE A 144 0.82 7.22 -2.55
C ILE A 144 -0.67 7.25 -2.90
N PHE A 145 -1.27 8.42 -2.75
CA PHE A 145 -2.67 8.61 -3.07
C PHE A 145 -2.88 8.70 -4.58
N LEU A 146 -4.03 8.22 -5.05
CA LEU A 146 -4.45 8.38 -6.44
C LEU A 146 -5.73 9.20 -6.45
N LYS A 147 -5.75 10.21 -7.32
CA LYS A 147 -6.94 10.97 -7.65
C LYS A 147 -7.26 10.75 -9.11
N VAL A 148 -8.51 10.92 -9.46
CA VAL A 148 -8.98 10.74 -10.84
C VAL A 148 -8.88 12.06 -11.59
N GLY A 149 -8.14 12.01 -12.67
CA GLY A 149 -7.99 13.19 -13.56
C GLY A 149 -7.27 12.75 -14.82
N SER A 150 -6.06 13.27 -15.04
CA SER A 150 -5.21 12.88 -16.17
C SER A 150 -4.72 11.43 -15.96
N ALA A 151 -4.59 10.65 -17.03
CA ALA A 151 -3.99 9.35 -16.98
C ALA A 151 -2.54 9.36 -16.52
N LYS A 152 -2.16 8.29 -15.82
CA LYS A 152 -0.80 8.05 -15.41
C LYS A 152 -0.19 7.07 -16.41
N PRO A 153 0.64 7.57 -17.33
CA PRO A 153 1.13 6.62 -18.35
C PRO A 153 1.90 5.44 -17.77
N GLY A 154 2.60 5.63 -16.67
CA GLY A 154 3.38 4.57 -16.07
C GLY A 154 2.56 3.48 -15.40
N LEU A 155 1.28 3.76 -15.21
CA LEU A 155 0.34 2.75 -14.73
C LEU A 155 -0.29 1.88 -15.82
N GLN A 156 -0.22 2.28 -17.10
CA GLN A 156 -1.04 1.58 -18.09
C GLN A 156 -0.65 0.11 -18.27
N LYS A 157 0.64 -0.21 -18.12
CA LYS A 157 1.06 -1.60 -18.28
C LYS A 157 0.41 -2.47 -17.23
N VAL A 158 0.22 -1.93 -16.04
CA VAL A 158 -0.51 -2.66 -15.03
C VAL A 158 -1.97 -2.85 -15.41
N VAL A 159 -2.61 -1.76 -15.81
CA VAL A 159 -4.04 -1.79 -16.17
C VAL A 159 -4.29 -2.81 -17.30
N ASP A 160 -3.38 -2.88 -18.25
CA ASP A 160 -3.67 -3.71 -19.41
C ASP A 160 -3.48 -5.21 -19.16
N VAL A 161 -2.81 -5.59 -18.07
CA VAL A 161 -2.64 -7.00 -17.73
C VAL A 161 -3.80 -7.52 -16.86
N LEU A 162 -4.64 -6.62 -16.34
CA LEU A 162 -5.63 -7.02 -15.37
C LEU A 162 -6.69 -7.99 -15.91
N ASP A 163 -6.99 -7.85 -17.21
CA ASP A 163 -7.91 -8.78 -17.85
C ASP A 163 -7.45 -10.25 -17.76
N SER A 164 -6.14 -10.45 -17.65
CA SER A 164 -5.59 -11.79 -17.53
C SER A 164 -5.51 -12.35 -16.12
N ILE A 165 -5.83 -11.55 -15.11
CA ILE A 165 -5.90 -12.03 -13.74
C ILE A 165 -7.22 -11.64 -13.08
N LYS A 166 -8.32 -11.85 -13.79
CA LYS A 166 -9.58 -11.32 -13.33
C LYS A 166 -9.98 -11.86 -11.96
N THR A 167 -9.70 -13.14 -11.74
CA THR A 167 -10.24 -13.84 -10.59
C THR A 167 -9.14 -14.34 -9.64
N LYS A 168 -9.58 -14.59 -8.41
CA LYS A 168 -8.76 -15.01 -7.28
C LYS A 168 -7.91 -16.21 -7.65
N GLY A 169 -6.61 -16.11 -7.40
CA GLY A 169 -5.70 -17.21 -7.70
C GLY A 169 -4.97 -17.11 -9.02
N LYS A 170 -5.44 -16.25 -9.92
CA LYS A 170 -4.79 -16.08 -11.21
C LYS A 170 -3.56 -15.19 -11.09
N SER A 171 -2.49 -15.58 -11.76
CA SER A 171 -1.28 -14.76 -11.92
C SER A 171 -0.84 -14.67 -13.41
N ALA A 172 -0.03 -13.66 -13.74
CA ALA A 172 0.55 -13.47 -15.09
C ALA A 172 2.01 -12.98 -14.98
N ASP A 173 2.84 -13.35 -15.95
CA ASP A 173 4.20 -12.86 -15.98
C ASP A 173 4.11 -11.36 -16.03
N PHE A 174 4.99 -10.70 -15.30
CA PHE A 174 4.98 -9.24 -15.28
C PHE A 174 6.37 -8.75 -15.04
N THR A 175 7.22 -8.95 -16.05
CA THR A 175 8.59 -8.55 -15.98
C THR A 175 8.77 -7.15 -16.57
N ASN A 176 9.89 -6.54 -16.19
CA ASN A 176 10.37 -5.28 -16.74
C ASN A 176 9.43 -4.12 -16.49
N PHE A 177 8.69 -4.19 -15.39
CA PHE A 177 7.84 -3.05 -15.01
C PHE A 177 8.64 -2.15 -14.09
N ASP A 178 8.68 -0.85 -14.40
CA ASP A 178 9.48 0.12 -13.69
C ASP A 178 8.58 0.92 -12.74
N PRO A 179 8.72 0.69 -11.42
CA PRO A 179 7.82 1.37 -10.51
C PRO A 179 8.08 2.88 -10.35
N ARG A 180 9.18 3.38 -10.92
CA ARG A 180 9.43 4.82 -10.91
C ARG A 180 8.33 5.60 -11.60
N GLY A 181 7.69 5.00 -12.60
CA GLY A 181 6.59 5.65 -13.30
C GLY A 181 5.33 5.82 -12.47
N LEU A 182 5.28 5.28 -11.24
CA LEU A 182 4.10 5.45 -10.37
C LEU A 182 4.29 6.57 -9.35
N LEU A 183 5.43 7.22 -9.32
CA LEU A 183 5.75 8.23 -8.28
C LEU A 183 5.31 9.63 -8.71
N PRO A 184 4.89 10.46 -7.78
CA PRO A 184 4.66 11.87 -8.08
C PRO A 184 5.99 12.62 -8.13
N GLU A 185 5.93 13.89 -8.50
CA GLU A 185 7.10 14.73 -8.55
C GLU A 185 7.78 14.90 -7.21
N SER A 186 6.99 15.27 -6.18
CA SER A 186 7.50 15.56 -4.88
C SER A 186 7.56 14.34 -3.98
N LEU A 187 8.61 14.27 -3.16
CA LEU A 187 8.75 13.24 -2.14
C LEU A 187 8.42 13.78 -0.73
N ASP A 188 7.82 14.96 -0.63
CA ASP A 188 7.30 15.42 0.67
C ASP A 188 6.37 14.32 1.25
N TYR A 189 6.49 14.08 2.56
CA TYR A 189 5.75 12.97 3.18
C TYR A 189 5.37 13.25 4.62
N TRP A 190 4.43 12.44 5.10
CA TRP A 190 4.13 12.27 6.51
C TRP A 190 4.58 10.87 6.91
N THR A 191 4.97 10.70 8.15
CA THR A 191 5.39 9.40 8.62
C THR A 191 4.92 9.15 10.05
N TYR A 192 4.62 7.90 10.34
CA TYR A 192 4.15 7.49 11.65
C TYR A 192 4.31 5.96 11.77
N PRO A 193 4.44 5.43 12.98
CA PRO A 193 4.53 4.00 13.19
C PRO A 193 3.13 3.35 13.18
N GLY A 194 2.97 2.27 12.44
CA GLY A 194 1.68 1.62 12.29
C GLY A 194 1.79 0.13 12.00
N SER A 195 0.84 -0.36 11.21
CA SER A 195 0.64 -1.77 11.04
C SER A 195 0.37 -2.12 9.57
N LEU A 196 0.35 -3.42 9.29
CA LEU A 196 -0.26 -3.93 8.07
C LEU A 196 -1.72 -3.51 8.11
N THR A 197 -2.33 -3.22 6.97
CA THR A 197 -3.74 -2.83 6.95
C THR A 197 -4.66 -3.99 6.59
N THR A 198 -4.10 -5.19 6.37
CA THR A 198 -4.87 -6.44 6.24
C THR A 198 -4.41 -7.40 7.30
N PRO A 199 -5.28 -8.36 7.67
CA PRO A 199 -4.84 -9.45 8.51
C PRO A 199 -3.50 -9.99 7.96
N PRO A 200 -2.55 -10.30 8.83
CA PRO A 200 -2.65 -10.38 10.28
C PRO A 200 -2.49 -9.07 11.07
N LEU A 201 -2.47 -7.94 10.39
CA LEU A 201 -2.55 -6.59 11.05
C LEU A 201 -1.32 -6.35 11.98
N LEU A 202 -0.19 -6.98 11.65
CA LEU A 202 0.99 -6.90 12.51
C LEU A 202 1.54 -5.46 12.63
N GLU A 203 1.97 -5.11 13.82
CA GLU A 203 2.40 -3.74 14.13
C GLU A 203 3.90 -3.59 13.86
N CYS A 204 4.24 -3.63 12.58
CA CYS A 204 5.63 -3.75 12.11
C CYS A 204 6.01 -2.76 11.04
N VAL A 205 5.20 -1.73 10.81
CA VAL A 205 5.39 -0.85 9.65
C VAL A 205 5.76 0.58 10.04
N THR A 206 6.80 1.13 9.44
CA THR A 206 7.01 2.56 9.40
C THR A 206 6.31 3.02 8.14
N TRP A 207 5.23 3.78 8.32
CA TRP A 207 4.47 4.32 7.22
C TRP A 207 5.09 5.63 6.75
N ILE A 208 5.21 5.76 5.43
CA ILE A 208 5.67 7.00 4.80
C ILE A 208 4.63 7.29 3.72
N VAL A 209 3.83 8.34 3.91
CA VAL A 209 2.72 8.63 3.01
C VAL A 209 3.03 9.94 2.32
N LEU A 210 3.16 9.90 0.99
CA LEU A 210 3.47 11.09 0.23
C LEU A 210 2.29 12.04 0.22
N LYS A 211 2.61 13.33 0.30
CA LYS A 211 1.64 14.39 0.26
C LYS A 211 1.02 14.58 -1.10
N GLU A 212 1.83 14.47 -2.14
CA GLU A 212 1.37 14.72 -3.50
C GLU A 212 0.72 13.46 -4.08
N PRO A 213 -0.57 13.52 -4.44
CA PRO A 213 -1.20 12.37 -5.11
C PRO A 213 -0.69 12.27 -6.54
N ILE A 214 -0.77 11.06 -7.10
CA ILE A 214 -0.68 10.89 -8.53
C ILE A 214 -2.06 10.94 -9.13
N SER A 215 -2.15 11.41 -10.38
CA SER A 215 -3.41 11.40 -11.09
C SER A 215 -3.47 10.19 -11.99
N VAL A 216 -4.60 9.50 -11.96
CA VAL A 216 -4.89 8.42 -12.91
C VAL A 216 -6.22 8.73 -13.62
N SER A 217 -6.47 8.15 -14.79
CA SER A 217 -7.72 8.47 -15.47
C SER A 217 -8.87 7.64 -14.94
N SER A 218 -10.06 8.13 -15.19
CA SER A 218 -11.27 7.40 -14.84
C SER A 218 -11.24 6.01 -15.48
N GLU A 219 -10.76 5.93 -16.72
CA GLU A 219 -10.70 4.65 -17.40
C GLU A 219 -9.74 3.68 -16.70
N GLN A 220 -8.62 4.18 -16.19
CA GLN A 220 -7.68 3.34 -15.48
C GLN A 220 -8.31 2.75 -14.23
N VAL A 221 -8.94 3.59 -13.43
CA VAL A 221 -9.51 3.08 -12.20
C VAL A 221 -10.75 2.20 -12.47
N LEU A 222 -11.51 2.50 -13.53
CA LEU A 222 -12.62 1.64 -13.92
C LEU A 222 -12.13 0.22 -14.19
N LYS A 223 -10.92 0.07 -14.73
CA LYS A 223 -10.39 -1.26 -15.00
C LYS A 223 -10.03 -2.00 -13.70
N PHE A 224 -9.53 -1.28 -12.69
CA PHE A 224 -9.33 -1.90 -11.39
C PHE A 224 -10.64 -2.50 -10.88
N ARG A 225 -11.73 -1.79 -11.08
CA ARG A 225 -13.04 -2.19 -10.57
C ARG A 225 -13.71 -3.32 -11.36
N LYS A 226 -13.08 -3.79 -12.43
CA LYS A 226 -13.56 -4.95 -13.16
C LYS A 226 -12.94 -6.27 -12.68
N LEU A 227 -11.91 -6.17 -11.84
CA LEU A 227 -11.40 -7.35 -11.17
C LEU A 227 -12.44 -8.00 -10.27
N ASN A 228 -12.17 -9.24 -9.91
CA ASN A 228 -13.09 -10.03 -9.10
C ASN A 228 -12.42 -10.50 -7.80
N PHE A 229 -13.18 -10.45 -6.71
CA PHE A 229 -12.79 -11.10 -5.46
C PHE A 229 -12.90 -12.62 -5.50
N ASN A 230 -13.89 -13.09 -6.25
CA ASN A 230 -14.17 -14.53 -6.39
C ASN A 230 -13.17 -15.22 -7.31
N GLY A 231 -13.12 -16.56 -7.21
CA GLY A 231 -12.41 -17.38 -8.19
C GLY A 231 -13.14 -17.63 -9.49
N GLU A 232 -12.42 -18.15 -10.47
CA GLU A 232 -12.99 -18.57 -11.75
C GLU A 232 -14.15 -19.54 -11.59
N GLY A 233 -15.21 -19.27 -12.34
CA GLY A 233 -16.41 -20.12 -12.32
C GLY A 233 -17.32 -19.89 -11.11
N GLU A 234 -17.02 -18.90 -10.28
CA GLU A 234 -17.86 -18.53 -9.14
C GLU A 234 -18.68 -17.28 -9.51
N PRO A 235 -19.74 -16.98 -8.74
CA PRO A 235 -20.54 -15.82 -9.03
C PRO A 235 -19.72 -14.55 -8.83
N GLU A 236 -19.97 -13.57 -9.68
CA GLU A 236 -19.10 -12.41 -9.73
C GLU A 236 -19.30 -11.50 -8.53
N GLU A 237 -18.20 -11.20 -7.84
CA GLU A 237 -18.17 -10.21 -6.79
C GLU A 237 -17.07 -9.23 -7.20
N LEU A 238 -17.48 -8.03 -7.64
CA LEU A 238 -16.47 -7.08 -8.13
C LEU A 238 -15.51 -6.69 -7.01
N MET A 239 -14.23 -6.62 -7.36
CA MET A 239 -13.15 -6.22 -6.44
C MET A 239 -13.15 -4.71 -6.35
N VAL A 240 -13.95 -4.23 -5.41
CA VAL A 240 -14.08 -2.80 -5.10
C VAL A 240 -14.16 -2.63 -3.58
N ASP A 241 -13.78 -1.45 -3.09
CA ASP A 241 -13.87 -1.15 -1.68
C ASP A 241 -13.05 -2.13 -0.85
N ASN A 242 -11.83 -2.38 -1.29
CA ASN A 242 -10.87 -3.23 -0.56
C ASN A 242 -9.93 -2.41 0.30
N TRP A 243 -10.52 -1.48 1.06
CA TRP A 243 -9.81 -0.58 1.94
C TRP A 243 -10.32 -0.75 3.37
N ARG A 244 -9.37 -0.69 4.32
CA ARG A 244 -9.69 -0.59 5.73
C ARG A 244 -9.85 0.89 6.08
N PRO A 245 -10.88 1.24 6.87
CA PRO A 245 -10.99 2.65 7.27
C PRO A 245 -9.97 3.07 8.34
N ALA A 246 -9.90 4.37 8.58
CA ALA A 246 -8.98 4.97 9.54
C ALA A 246 -9.26 4.40 10.93
N GLN A 247 -8.16 4.12 11.63
CA GLN A 247 -8.14 3.56 12.97
C GLN A 247 -7.67 4.61 13.98
N PRO A 248 -7.95 4.39 15.28
CA PRO A 248 -7.56 5.36 16.28
C PRO A 248 -6.06 5.65 16.32
N LEU A 249 -5.69 6.93 16.38
CA LEU A 249 -4.29 7.32 16.42
C LEU A 249 -3.63 6.93 17.73
N LYS A 250 -4.39 6.95 18.81
CA LYS A 250 -3.88 6.56 20.15
C LYS A 250 -2.64 7.37 20.46
N ASN A 251 -1.60 6.73 20.98
CA ASN A 251 -0.47 7.49 21.45
C ASN A 251 0.58 7.62 20.37
N ARG A 252 0.24 8.30 19.27
CA ARG A 252 1.15 8.50 18.17
C ARG A 252 1.13 9.93 17.66
N GLN A 253 2.28 10.34 17.11
CA GLN A 253 2.41 11.61 16.45
C GLN A 253 2.78 11.33 15.00
N ILE A 254 2.14 12.06 14.12
CA ILE A 254 2.46 12.06 12.72
C ILE A 254 3.46 13.21 12.48
N LYS A 255 4.58 12.88 11.82
CA LYS A 255 5.62 13.87 11.54
C LYS A 255 5.58 14.19 10.07
N ALA A 256 5.87 15.45 9.74
CA ALA A 256 5.95 15.92 8.36
C ALA A 256 7.40 16.17 7.98
N SER A 257 7.73 15.88 6.73
CA SER A 257 9.07 16.11 6.21
C SER A 257 9.25 17.52 5.66
N PHE A 258 8.17 18.31 5.64
CA PHE A 258 8.15 19.58 4.97
C PHE A 258 7.53 20.59 5.90
N LYS A 259 7.92 21.85 5.67
CA LYS A 259 7.43 22.98 6.47
C LYS A 259 6.15 23.48 5.83
#